data_6FF8
#
_entry.id   6FF8
#
_cell.length_a   53.658
_cell.length_b   53.658
_cell.length_c   129.784
_cell.angle_alpha   90.00
_cell.angle_beta   90.00
_cell.angle_gamma   90.00
#
_symmetry.space_group_name_H-M   'P 43'
#
loop_
_entity.id
_entity.type
_entity.pdbx_description
1 polymer 'Ras-related protein Rab-32'
2 non-polymer "GUANOSINE-5'-TRIPHOSPHATE"
3 non-polymer 'MAGNESIUM ION'
4 water water
#
_entity_poly.entity_id   1
_entity_poly.type   'polypeptide(L)'
_entity_poly.pdbx_seq_one_letter_code
;SMETREHLFKVLVIGELGVGKTSIIKRYVHQLFSQHYRATIGVDFALKVLNWDSRTLVRLQLWDIAGLERFGNMTRVYYK
EAVGAFVVFDISRSSTFEAVLKWKSDLDSKVHLPNGSPIPAVLLANKCDQNKDSSQSPSQVDQFCKEHGFAGWFETSAKD
NINIEEAARFLVEKILVNHQS
;
_entity_poly.pdbx_strand_id   A,B
#
loop_
_chem_comp.id
_chem_comp.type
_chem_comp.name
_chem_comp.formula
GTP non-polymer GUANOSINE-5'-TRIPHOSPHATE 'C10 H16 N5 O14 P3'
MG non-polymer 'MAGNESIUM ION' 'Mg 2'
#
# COMPACT_ATOMS: atom_id res chain seq x y z
N GLU A 3 21.67 0.57 -17.68
CA GLU A 3 21.31 1.96 -17.78
C GLU A 3 20.12 2.17 -16.85
N THR A 4 18.97 1.59 -17.14
CA THR A 4 17.84 1.79 -16.29
C THR A 4 17.97 1.55 -14.78
N ARG A 5 17.44 2.51 -14.06
CA ARG A 5 17.27 2.56 -12.62
C ARG A 5 15.80 2.58 -12.31
N GLU A 6 15.40 1.78 -11.31
CA GLU A 6 14.03 1.65 -10.88
C GLU A 6 13.97 2.18 -9.45
N HIS A 7 12.94 2.97 -9.15
CA HIS A 7 12.67 3.45 -7.81
C HIS A 7 11.27 3.12 -7.37
N LEU A 8 11.08 2.90 -6.06
CA LEU A 8 9.77 2.75 -5.44
C LEU A 8 9.63 3.81 -4.33
N PHE A 9 8.69 4.73 -4.46
CA PHE A 9 8.55 5.79 -3.46
C PHE A 9 7.19 5.72 -2.80
N LYS A 10 7.16 5.92 -1.46
CA LYS A 10 5.95 6.09 -0.73
C LYS A 10 5.50 7.54 -0.76
N VAL A 11 4.35 7.76 -1.35
CA VAL A 11 3.69 9.05 -1.39
C VAL A 11 2.30 9.15 -0.72
N LEU A 12 2.12 10.18 0.10
CA LEU A 12 0.89 10.35 0.84
C LEU A 12 -0.06 11.25 0.10
N VAL A 13 -1.36 11.00 0.24
CA VAL A 13 -2.37 11.87 -0.30
C VAL A 13 -3.28 12.22 0.83
N ILE A 14 -3.26 13.50 1.30
CA ILE A 14 -4.00 13.76 2.51
C ILE A 14 -4.85 15.03 2.29
N GLY A 15 -5.82 15.22 3.17
CA GLY A 15 -6.82 16.32 3.03
C GLY A 15 -8.19 15.96 3.64
N GLU A 16 -9.06 16.96 3.72
CA GLU A 16 -10.33 16.81 4.46
C GLU A 16 -11.26 15.90 3.65
N LEU A 17 -12.25 15.36 4.31
CA LEU A 17 -13.38 14.61 3.69
C LEU A 17 -13.89 15.25 2.43
N GLY A 18 -13.98 14.48 1.35
CA GLY A 18 -14.73 14.86 0.15
C GLY A 18 -13.99 15.78 -0.77
N VAL A 19 -12.67 15.99 -0.56
CA VAL A 19 -11.90 16.97 -1.37
C VAL A 19 -11.47 16.43 -2.68
N GLY A 20 -11.45 15.07 -2.84
CA GLY A 20 -11.06 14.43 -4.07
C GLY A 20 -9.87 13.44 -3.99
N LYS A 21 -9.35 13.14 -2.84
CA LYS A 21 -8.10 12.32 -2.68
C LYS A 21 -8.21 11.04 -3.48
N THR A 22 -9.31 10.33 -3.33
CA THR A 22 -9.52 9.05 -3.97
C THR A 22 -9.63 9.17 -5.47
N SER A 23 -10.32 10.20 -5.93
CA SER A 23 -10.57 10.44 -7.31
C SER A 23 -9.39 10.93 -8.07
N ILE A 24 -8.53 11.75 -7.44
CA ILE A 24 -7.32 12.15 -8.10
C ILE A 24 -6.42 10.88 -8.33
N ILE A 25 -6.37 9.99 -7.36
CA ILE A 25 -5.55 8.76 -7.48
C ILE A 25 -6.14 7.82 -8.59
N LYS A 26 -7.48 7.70 -8.63
CA LYS A 26 -8.13 6.85 -9.61
C LYS A 26 -7.97 7.38 -11.05
N ARG A 27 -8.06 8.69 -11.20
CA ARG A 27 -7.75 9.32 -12.48
C ARG A 27 -6.30 9.13 -12.92
N TYR A 28 -5.38 9.47 -12.05
CA TYR A 28 -3.97 9.29 -12.37
C TYR A 28 -3.54 7.84 -12.64
N VAL A 29 -4.09 6.88 -11.91
CA VAL A 29 -3.64 5.45 -12.00
C VAL A 29 -4.48 4.67 -13.02
N HIS A 30 -5.78 4.88 -13.01
CA HIS A 30 -6.66 4.08 -13.87
C HIS A 30 -7.32 4.87 -14.98
N GLN A 31 -7.08 6.18 -15.06
CA GLN A 31 -7.78 7.03 -16.00
C GLN A 31 -9.31 6.87 -15.97
N LEU A 32 -9.85 6.90 -14.75
CA LEU A 32 -11.29 6.78 -14.53
C LEU A 32 -11.78 7.83 -13.54
N PHE A 33 -13.04 8.15 -13.66
CA PHE A 33 -13.72 9.06 -12.70
C PHE A 33 -15.18 8.67 -12.56
N SER A 34 -15.63 8.67 -11.31
CA SER A 34 -16.99 8.54 -10.95
C SER A 34 -17.35 9.75 -10.14
N GLN A 35 -18.48 10.36 -10.49
CA GLN A 35 -19.09 11.37 -9.64
C GLN A 35 -19.65 10.80 -8.32
N HIS A 36 -19.81 9.47 -8.17
CA HIS A 36 -20.48 8.94 -6.98
C HIS A 36 -19.47 8.92 -5.85
N TYR A 37 -19.79 9.60 -4.76
CA TYR A 37 -19.02 9.60 -3.56
C TYR A 37 -19.07 8.26 -2.85
N ARG A 38 -17.92 7.62 -2.69
CA ARG A 38 -17.83 6.46 -1.84
C ARG A 38 -16.75 6.84 -0.81
N ALA A 39 -17.11 6.90 0.47
CA ALA A 39 -16.25 7.51 1.47
C ALA A 39 -15.16 6.49 1.84
N THR A 40 -13.92 6.90 1.90
CA THR A 40 -12.85 5.96 2.22
C THR A 40 -12.86 5.63 3.75
N ILE A 41 -12.57 4.40 4.12
CA ILE A 41 -12.38 3.98 5.53
C ILE A 41 -10.89 3.76 5.81
N GLY A 42 -10.31 4.58 6.67
CA GLY A 42 -8.84 4.50 7.02
C GLY A 42 -7.91 4.78 5.86
N VAL A 43 -7.28 3.74 5.30
CA VAL A 43 -6.31 3.95 4.20
C VAL A 43 -6.61 3.06 3.04
N ASP A 44 -6.38 3.58 1.84
CA ASP A 44 -6.53 2.81 0.59
C ASP A 44 -5.25 3.03 -0.18
N PHE A 45 -5.01 2.24 -1.21
CA PHE A 45 -3.72 2.19 -1.90
C PHE A 45 -3.83 2.03 -3.35
N ALA A 46 -2.78 2.49 -4.01
CA ALA A 46 -2.61 2.36 -5.41
C ALA A 46 -1.12 2.32 -5.67
N LEU A 47 -0.73 1.74 -6.78
CA LEU A 47 0.60 1.83 -7.35
C LEU A 47 0.54 2.53 -8.70
N LYS A 48 1.27 3.61 -8.85
CA LYS A 48 1.52 4.17 -10.18
C LYS A 48 2.91 3.80 -10.64
N VAL A 49 3.00 3.47 -11.91
CA VAL A 49 4.18 3.14 -12.60
C VAL A 49 4.41 4.26 -13.57
N LEU A 50 5.51 4.99 -13.38
CA LEU A 50 5.88 6.10 -14.25
C LEU A 50 7.20 5.83 -15.01
N ASN A 51 7.11 5.90 -16.33
CA ASN A 51 8.27 5.78 -17.17
C ASN A 51 8.84 7.16 -17.23
N TRP A 52 9.73 7.47 -16.30
CA TRP A 52 10.17 8.83 -16.09
C TRP A 52 10.94 9.30 -17.32
N ASP A 53 11.93 8.54 -17.73
CA ASP A 53 12.66 8.76 -18.95
C ASP A 53 13.37 7.45 -19.27
N SER A 54 14.31 7.49 -20.19
CA SER A 54 15.01 6.35 -20.69
C SER A 54 15.96 5.67 -19.68
N ARG A 55 16.32 6.33 -18.59
CA ARG A 55 17.20 5.72 -17.59
C ARG A 55 16.49 5.54 -16.27
N THR A 56 15.18 5.73 -16.23
CA THR A 56 14.48 5.90 -14.99
C THR A 56 13.03 5.35 -15.02
N LEU A 57 12.80 4.36 -14.19
CA LEU A 57 11.45 3.88 -13.97
C LEU A 57 11.13 4.19 -12.56
N VAL A 58 10.03 4.89 -12.33
CA VAL A 58 9.59 5.19 -10.98
C VAL A 58 8.29 4.49 -10.72
N ARG A 59 8.17 3.85 -9.56
CA ARG A 59 6.90 3.40 -9.03
C ARG A 59 6.57 4.16 -7.79
N LEU A 60 5.31 4.57 -7.68
CA LEU A 60 4.78 5.22 -6.51
C LEU A 60 3.80 4.36 -5.81
N GLN A 61 4.05 4.10 -4.53
CA GLN A 61 3.09 3.52 -3.62
C GLN A 61 2.28 4.70 -3.03
N LEU A 62 1.06 4.86 -3.55
CA LEU A 62 0.12 5.86 -3.08
C LEU A 62 -0.75 5.43 -1.93
N TRP A 63 -0.54 6.14 -0.82
CA TRP A 63 -1.29 5.95 0.39
C TRP A 63 -2.41 7.04 0.40
N ASP A 64 -3.64 6.61 0.24
CA ASP A 64 -4.91 7.47 0.28
C ASP A 64 -5.44 7.47 1.68
N ILE A 65 -5.12 8.52 2.44
CA ILE A 65 -5.48 8.61 3.83
C ILE A 65 -6.84 9.28 3.89
N ALA A 66 -7.79 8.61 4.55
CA ALA A 66 -9.15 9.09 4.66
C ALA A 66 -9.16 10.40 5.49
N GLY A 67 -10.14 11.24 5.18
CA GLY A 67 -10.37 12.54 5.77
C GLY A 67 -10.48 12.64 7.26
N LEU A 68 -11.07 11.63 7.90
CA LEU A 68 -11.10 11.66 9.37
C LEU A 68 -9.80 11.31 10.12
N GLU A 69 -8.75 10.88 9.44
CA GLU A 69 -7.67 10.17 10.15
C GLU A 69 -6.79 11.11 11.02
N ARG A 70 -6.87 12.42 10.77
CA ARG A 70 -6.13 13.37 11.58
C ARG A 70 -6.77 13.53 12.92
N PHE A 71 -8.02 13.08 13.12
CA PHE A 71 -8.64 13.11 14.44
C PHE A 71 -8.35 11.82 15.24
N GLY A 72 -7.92 10.76 14.56
CA GLY A 72 -7.54 9.51 15.15
C GLY A 72 -6.08 9.55 15.61
N ASN A 73 -5.51 8.37 15.81
CA ASN A 73 -4.18 8.27 16.47
C ASN A 73 -3.18 7.40 15.69
N MET A 74 -3.38 7.30 14.39
CA MET A 74 -2.66 6.36 13.53
C MET A 74 -1.82 7.05 12.47
N THR A 75 -1.95 8.36 12.28
CA THR A 75 -1.21 9.01 11.21
C THR A 75 0.32 8.87 11.32
N ARG A 76 0.86 8.85 12.54
CA ARG A 76 2.29 8.60 12.70
C ARG A 76 2.68 7.27 12.04
N VAL A 77 1.87 6.23 12.22
CA VAL A 77 2.13 4.96 11.55
C VAL A 77 1.96 5.10 10.05
N TYR A 78 0.90 5.77 9.59
CA TYR A 78 0.64 5.89 8.18
C TYR A 78 1.72 6.60 7.42
N TYR A 79 2.28 7.65 8.05
CA TYR A 79 3.27 8.48 7.39
C TYR A 79 4.67 7.87 7.35
N LYS A 80 4.94 6.88 8.16
CA LYS A 80 6.28 6.38 8.30
C LYS A 80 6.96 6.07 6.95
N GLU A 81 8.18 6.60 6.81
CA GLU A 81 8.99 6.51 5.60
C GLU A 81 8.45 7.16 4.30
N ALA A 82 7.42 8.02 4.39
CA ALA A 82 6.97 8.70 3.19
C ALA A 82 8.08 9.62 2.76
N VAL A 83 8.24 9.79 1.47
CA VAL A 83 9.25 10.71 0.91
C VAL A 83 8.55 11.89 0.17
N GLY A 84 7.24 11.86 0.01
CA GLY A 84 6.51 13.04 -0.62
C GLY A 84 5.06 13.02 -0.18
N ALA A 85 4.38 14.15 -0.35
CA ALA A 85 2.94 14.22 -0.11
C ALA A 85 2.22 15.17 -1.01
N PHE A 86 1.01 14.77 -1.44
CA PHE A 86 0.01 15.71 -1.92
C PHE A 86 -0.99 16.08 -0.83
N VAL A 87 -1.24 17.37 -0.69
CA VAL A 87 -2.16 17.89 0.30
C VAL A 87 -3.26 18.61 -0.52
N VAL A 88 -4.49 18.14 -0.38
CA VAL A 88 -5.58 18.31 -1.33
C VAL A 88 -6.65 19.09 -0.60
N PHE A 89 -7.17 20.10 -1.27
CA PHE A 89 -8.40 20.77 -0.82
C PHE A 89 -9.32 20.93 -1.98
N ASP A 90 -10.56 21.33 -1.67
CA ASP A 90 -11.60 21.57 -2.62
C ASP A 90 -11.67 23.07 -2.82
N ILE A 91 -11.34 23.49 -4.05
CA ILE A 91 -11.11 24.83 -4.41
C ILE A 91 -12.40 25.67 -4.21
N SER A 92 -13.56 24.99 -4.17
CA SER A 92 -14.88 25.60 -3.88
C SER A 92 -15.28 25.73 -2.40
N ARG A 93 -14.54 25.10 -1.47
CA ARG A 93 -14.97 25.07 -0.06
C ARG A 93 -13.84 25.51 0.89
N SER A 94 -13.97 26.72 1.42
CA SER A 94 -12.88 27.35 2.15
C SER A 94 -12.52 26.65 3.48
N SER A 95 -13.48 25.95 4.09
CA SER A 95 -13.23 25.10 5.25
C SER A 95 -12.10 24.07 4.99
N THR A 96 -12.12 23.49 3.79
CA THR A 96 -11.10 22.53 3.39
C THR A 96 -9.71 23.16 3.13
N PHE A 97 -9.69 24.42 2.71
CA PHE A 97 -8.44 25.17 2.62
C PHE A 97 -7.85 25.50 3.98
N GLU A 98 -8.66 26.00 4.93
CA GLU A 98 -8.19 26.28 6.31
C GLU A 98 -7.60 24.99 6.94
N ALA A 99 -8.17 23.83 6.64
CA ALA A 99 -7.71 22.57 7.22
C ALA A 99 -6.37 22.03 6.66
N VAL A 100 -5.92 22.53 5.49
CA VAL A 100 -4.65 22.12 4.95
C VAL A 100 -3.44 22.39 5.89
N LEU A 101 -3.49 23.42 6.70
CA LEU A 101 -2.43 23.69 7.68
C LEU A 101 -2.46 22.72 8.84
N LYS A 102 -3.65 22.25 9.20
CA LYS A 102 -3.76 21.18 10.17
C LYS A 102 -3.12 19.90 9.67
N TRP A 103 -3.45 19.49 8.45
CA TRP A 103 -2.74 18.36 7.82
C TRP A 103 -1.25 18.62 7.66
N LYS A 104 -0.87 19.81 7.20
CA LYS A 104 0.52 20.13 6.97
C LYS A 104 1.35 20.11 8.27
N SER A 105 0.81 20.69 9.33
CA SER A 105 1.45 20.62 10.64
C SER A 105 1.52 19.17 11.20
N ASP A 106 0.50 18.33 10.95
CA ASP A 106 0.47 16.92 11.39
C ASP A 106 1.63 16.16 10.74
N LEU A 107 1.74 16.37 9.44
CA LEU A 107 2.76 15.76 8.59
C LEU A 107 4.15 16.16 9.04
N ASP A 108 4.41 17.45 9.16
CA ASP A 108 5.75 17.90 9.60
C ASP A 108 6.11 17.55 11.02
N SER A 109 5.13 17.34 11.89
CA SER A 109 5.38 16.85 13.26
C SER A 109 5.84 15.38 13.28
N LYS A 110 5.39 14.61 12.29
CA LYS A 110 5.46 13.16 12.35
C LYS A 110 6.43 12.48 11.41
N VAL A 111 6.87 13.15 10.36
CA VAL A 111 7.79 12.47 9.45
C VAL A 111 8.72 13.43 8.75
N HIS A 112 9.96 12.99 8.52
CA HIS A 112 11.00 13.79 7.85
C HIS A 112 11.81 12.88 6.96
N LEU A 113 12.60 13.44 6.08
CA LEU A 113 13.47 12.67 5.25
C LEU A 113 14.66 12.13 6.06
N PRO A 114 15.41 11.16 5.47
CA PRO A 114 16.47 10.59 6.28
C PRO A 114 17.53 11.62 6.74
N ASN A 115 17.71 12.69 5.95
CA ASN A 115 18.59 13.77 6.32
C ASN A 115 18.00 14.81 7.30
N GLY A 116 16.77 14.60 7.80
CA GLY A 116 16.18 15.50 8.81
C GLY A 116 15.25 16.61 8.31
N SER A 117 15.26 16.92 7.02
CA SER A 117 14.35 17.95 6.46
C SER A 117 12.91 17.51 6.30
N PRO A 118 12.01 18.46 6.12
CA PRO A 118 10.62 18.11 5.79
C PRO A 118 10.47 17.43 4.42
N ILE A 119 9.52 16.49 4.32
CA ILE A 119 9.30 15.83 3.02
C ILE A 119 8.68 16.84 2.04
N PRO A 120 9.05 16.81 0.76
CA PRO A 120 8.34 17.76 -0.12
C PRO A 120 6.81 17.49 -0.16
N ALA A 121 6.08 18.59 -0.24
CA ALA A 121 4.64 18.57 -0.17
C ALA A 121 4.08 19.57 -1.19
N VAL A 122 3.18 19.06 -2.06
CA VAL A 122 2.60 19.83 -3.13
C VAL A 122 1.09 20.03 -2.83
N LEU A 123 0.63 21.24 -3.01
CA LEU A 123 -0.76 21.61 -2.70
C LEU A 123 -1.60 21.45 -3.96
N LEU A 124 -2.67 20.66 -3.88
CA LEU A 124 -3.60 20.45 -5.01
C LEU A 124 -4.96 21.08 -4.71
N ALA A 125 -5.28 22.14 -5.40
CA ALA A 125 -6.55 22.80 -5.28
C ALA A 125 -7.49 22.10 -6.23
N ASN A 126 -8.23 21.15 -5.73
CA ASN A 126 -8.99 20.22 -6.63
C ASN A 126 -10.38 20.73 -6.89
N LYS A 127 -10.96 20.21 -7.96
CA LYS A 127 -12.31 20.59 -8.44
C LYS A 127 -12.31 21.91 -9.16
N CYS A 128 -11.20 22.21 -9.84
CA CYS A 128 -11.05 23.53 -10.47
C CYS A 128 -12.06 23.77 -11.60
N ASP A 129 -12.58 22.68 -12.12
CA ASP A 129 -13.68 22.69 -13.01
C ASP A 129 -14.98 23.36 -12.50
N GLN A 130 -15.24 23.44 -11.20
CA GLN A 130 -16.42 24.08 -10.65
C GLN A 130 -16.44 25.63 -10.71
N SER A 135 -9.81 32.33 -3.82
CA SER A 135 -8.90 33.45 -4.02
C SER A 135 -7.89 33.17 -5.15
N GLN A 136 -8.35 33.41 -6.38
CA GLN A 136 -7.60 33.13 -7.63
C GLN A 136 -6.38 34.09 -7.72
N SER A 137 -5.18 33.69 -7.23
CA SER A 137 -4.07 34.72 -7.00
C SER A 137 -2.57 34.33 -7.18
N PRO A 138 -1.84 34.92 -8.17
CA PRO A 138 -0.46 34.48 -8.51
C PRO A 138 0.64 34.74 -7.43
N SER A 139 0.76 35.99 -6.97
CA SER A 139 1.72 36.32 -5.90
C SER A 139 1.32 35.63 -4.58
N GLN A 140 0.01 35.45 -4.36
CA GLN A 140 -0.52 34.91 -3.09
C GLN A 140 -0.14 33.46 -2.88
N VAL A 141 -0.30 32.66 -3.94
CA VAL A 141 0.15 31.28 -3.97
C VAL A 141 1.58 31.14 -3.54
N ASP A 142 2.46 31.89 -4.19
CA ASP A 142 3.90 31.84 -3.88
C ASP A 142 4.11 32.12 -2.38
N GLN A 143 3.54 33.23 -1.90
CA GLN A 143 3.63 33.61 -0.49
C GLN A 143 3.15 32.52 0.46
N PHE A 144 1.94 32.01 0.21
CA PHE A 144 1.41 30.95 1.04
C PHE A 144 2.36 29.71 1.10
N CYS A 145 2.85 29.27 -0.06
CA CYS A 145 3.71 28.06 -0.13
C CYS A 145 5.01 28.31 0.59
N LYS A 146 5.62 29.46 0.34
CA LYS A 146 6.84 29.78 1.07
C LYS A 146 6.61 29.73 2.56
N GLU A 147 5.50 30.29 3.00
CA GLU A 147 5.24 30.47 4.43
C GLU A 147 4.85 29.18 5.16
N HIS A 148 4.33 28.22 4.41
CA HIS A 148 3.88 26.99 5.01
C HIS A 148 4.64 25.79 4.42
N GLY A 149 5.72 26.01 3.68
CA GLY A 149 6.65 24.93 3.30
C GLY A 149 6.14 23.96 2.26
N PHE A 150 5.36 24.43 1.30
CA PHE A 150 4.92 23.66 0.16
C PHE A 150 5.87 23.93 -0.99
N ALA A 151 6.21 22.87 -1.72
CA ALA A 151 7.12 22.97 -2.85
C ALA A 151 6.46 23.61 -4.05
N GLY A 152 5.13 23.52 -4.13
CA GLY A 152 4.35 24.13 -5.22
C GLY A 152 2.85 23.94 -5.03
N TRP A 153 2.08 24.39 -6.02
CA TRP A 153 0.62 24.46 -5.92
C TRP A 153 0.03 24.35 -7.34
N PHE A 154 -0.98 23.52 -7.50
CA PHE A 154 -1.60 23.30 -8.81
C PHE A 154 -3.11 23.26 -8.59
N GLU A 155 -3.85 23.86 -9.48
CA GLU A 155 -5.27 23.65 -9.58
C GLU A 155 -5.48 22.39 -10.39
N THR A 156 -6.32 21.50 -9.90
CA THR A 156 -6.57 20.18 -10.54
C THR A 156 -8.02 19.87 -10.73
N SER A 157 -8.32 19.02 -11.71
CA SER A 157 -9.58 18.37 -11.81
C SER A 157 -9.38 16.87 -12.05
N ALA A 158 -9.85 16.04 -11.10
CA ALA A 158 -9.97 14.63 -11.40
C ALA A 158 -11.07 14.35 -12.47
N LYS A 159 -12.09 15.17 -12.49
CA LYS A 159 -13.21 15.01 -13.41
C LYS A 159 -12.78 15.20 -14.88
N ASP A 160 -12.16 16.35 -15.13
CA ASP A 160 -11.68 16.73 -16.46
C ASP A 160 -10.21 16.43 -16.75
N ASN A 161 -9.58 15.68 -15.86
CA ASN A 161 -8.16 15.36 -16.00
C ASN A 161 -7.24 16.59 -16.27
N ILE A 162 -7.25 17.55 -15.36
CA ILE A 162 -6.50 18.79 -15.55
C ILE A 162 -5.39 18.78 -14.54
N ASN A 163 -4.15 18.96 -15.00
CA ASN A 163 -2.96 19.11 -14.18
C ASN A 163 -2.56 17.98 -13.20
N ILE A 164 -3.22 16.84 -13.22
CA ILE A 164 -2.89 15.78 -12.31
C ILE A 164 -1.53 15.14 -12.67
N GLU A 165 -1.30 14.90 -13.95
CA GLU A 165 -0.05 14.39 -14.48
C GLU A 165 1.13 15.34 -14.20
N GLU A 166 0.93 16.64 -14.47
CA GLU A 166 1.95 17.67 -14.21
C GLU A 166 2.27 17.78 -12.73
N ALA A 167 1.22 17.78 -11.90
CA ALA A 167 1.42 17.81 -10.45
C ALA A 167 2.23 16.62 -9.94
N ALA A 168 1.85 15.42 -10.37
CA ALA A 168 2.66 14.21 -10.05
C ALA A 168 4.09 14.26 -10.49
N ARG A 169 4.35 14.70 -11.74
CA ARG A 169 5.70 14.77 -12.20
C ARG A 169 6.50 15.78 -11.41
N PHE A 170 5.88 16.91 -11.06
CA PHE A 170 6.51 17.93 -10.22
C PHE A 170 6.95 17.41 -8.85
N LEU A 171 6.09 16.64 -8.21
CA LEU A 171 6.46 16.10 -6.91
C LEU A 171 7.56 15.04 -7.03
N VAL A 172 7.46 14.20 -8.07
CA VAL A 172 8.46 13.15 -8.32
C VAL A 172 9.79 13.69 -8.64
N GLU A 173 9.79 14.81 -9.39
CA GLU A 173 11.02 15.53 -9.62
C GLU A 173 11.69 15.93 -8.29
N LYS A 174 10.95 16.52 -7.37
CA LYS A 174 11.54 16.86 -6.03
C LYS A 174 12.00 15.61 -5.26
N ILE A 175 11.27 14.50 -5.32
CA ILE A 175 11.69 13.29 -4.64
C ILE A 175 13.00 12.71 -5.24
N LEU A 176 13.11 12.76 -6.55
CA LEU A 176 14.32 12.32 -7.22
C LEU A 176 15.57 13.13 -6.87
N VAL A 177 15.43 14.44 -6.71
CA VAL A 177 16.59 15.26 -6.34
C VAL A 177 17.07 14.88 -4.94
N ASN A 178 16.14 14.68 -4.03
CA ASN A 178 16.40 14.26 -2.65
C ASN A 178 16.97 12.88 -2.57
N HIS A 179 16.61 12.01 -3.52
CA HIS A 179 17.04 10.65 -3.45
C HIS A 179 18.46 10.52 -3.93
N GLN A 180 18.83 11.29 -4.96
CA GLN A 180 20.22 11.49 -5.36
C GLN A 180 21.11 12.21 -4.31
N SER A 181 20.58 13.20 -3.61
CA SER A 181 21.41 14.12 -2.80
C SER A 181 22.19 13.43 -1.68
N GLU B 3 1.42 -2.21 30.80
CA GLU B 3 2.19 -1.94 29.53
C GLU B 3 1.66 -2.69 28.33
N THR B 4 1.41 -1.93 27.26
CA THR B 4 1.10 -2.49 25.95
C THR B 4 2.19 -2.33 24.87
N ARG B 5 1.99 -3.04 23.78
CA ARG B 5 2.92 -3.10 22.71
C ARG B 5 2.18 -3.03 21.39
N GLU B 6 2.75 -2.28 20.47
CA GLU B 6 2.28 -2.11 19.14
C GLU B 6 3.36 -2.66 18.24
N HIS B 7 2.96 -3.44 17.23
CA HIS B 7 3.84 -3.96 16.20
C HIS B 7 3.37 -3.60 14.82
N LEU B 8 4.34 -3.47 13.90
CA LEU B 8 4.07 -3.25 12.49
C LEU B 8 4.81 -4.31 11.69
N PHE B 9 4.07 -5.22 11.06
CA PHE B 9 4.74 -6.31 10.33
C PHE B 9 4.38 -6.25 8.86
N LYS B 10 5.38 -6.42 8.00
CA LYS B 10 5.23 -6.51 6.59
C LYS B 10 5.06 -7.97 6.27
N VAL B 11 3.90 -8.26 5.69
CA VAL B 11 3.52 -9.61 5.26
C VAL B 11 3.26 -9.76 3.76
N LEU B 12 3.91 -10.76 3.15
CA LEU B 12 3.76 -11.03 1.76
C LEU B 12 2.64 -11.98 1.48
N VAL B 13 1.96 -11.78 0.37
CA VAL B 13 0.97 -12.73 -0.12
C VAL B 13 1.38 -13.06 -1.50
N ILE B 14 1.83 -14.31 -1.74
CA ILE B 14 2.37 -14.64 -3.05
C ILE B 14 1.74 -15.89 -3.57
N GLY B 15 1.87 -16.08 -4.88
CA GLY B 15 1.19 -17.20 -5.59
C GLY B 15 0.84 -16.87 -7.03
N GLU B 16 0.44 -17.90 -7.78
CA GLU B 16 0.24 -17.79 -9.23
C GLU B 16 -0.96 -16.94 -9.51
N LEU B 17 -1.04 -16.44 -10.72
CA LEU B 17 -2.25 -15.72 -11.26
C LEU B 17 -3.52 -16.50 -10.93
N GLY B 18 -4.52 -15.77 -10.45
CA GLY B 18 -5.88 -16.27 -10.35
C GLY B 18 -6.16 -17.12 -9.13
N VAL B 19 -5.23 -17.14 -8.18
CA VAL B 19 -5.22 -18.11 -7.07
C VAL B 19 -6.07 -17.61 -5.91
N GLY B 20 -6.23 -16.28 -5.85
CA GLY B 20 -7.08 -15.62 -4.85
C GLY B 20 -6.36 -14.65 -3.88
N LYS B 21 -5.11 -14.29 -4.13
CA LYS B 21 -4.35 -13.42 -3.25
C LYS B 21 -5.13 -12.17 -2.92
N THR B 22 -5.68 -11.51 -3.92
CA THR B 22 -6.35 -10.21 -3.70
C THR B 22 -7.64 -10.38 -2.96
N SER B 23 -8.39 -11.46 -3.28
CA SER B 23 -9.63 -11.76 -2.57
C SER B 23 -9.47 -12.11 -1.12
N ILE B 24 -8.43 -12.88 -0.79
CA ILE B 24 -8.18 -13.22 0.59
C ILE B 24 -7.89 -11.93 1.43
N ILE B 25 -7.11 -11.04 0.85
CA ILE B 25 -6.82 -9.75 1.53
C ILE B 25 -8.06 -8.87 1.69
N LYS B 26 -8.86 -8.78 0.64
CA LYS B 26 -10.09 -7.92 0.66
C LYS B 26 -11.13 -8.46 1.66
N ARG B 27 -11.26 -9.78 1.72
CA ARG B 27 -12.07 -10.39 2.75
C ARG B 27 -11.57 -10.12 4.18
N TYR B 28 -10.31 -10.41 4.43
CA TYR B 28 -9.75 -10.20 5.76
C TYR B 28 -9.78 -8.71 6.22
N VAL B 29 -9.52 -7.77 5.30
CA VAL B 29 -9.36 -6.35 5.66
C VAL B 29 -10.70 -5.60 5.54
N HIS B 30 -11.46 -5.88 4.51
CA HIS B 30 -12.72 -5.13 4.30
C HIS B 30 -13.96 -5.95 4.42
N GLN B 31 -13.83 -7.24 4.72
CA GLN B 31 -15.00 -8.12 4.72
C GLN B 31 -15.89 -8.04 3.46
N LEU B 32 -15.24 -8.10 2.30
CA LEU B 32 -15.95 -8.09 1.02
C LEU B 32 -15.41 -9.18 0.11
N PHE B 33 -16.28 -9.62 -0.77
CA PHE B 33 -15.94 -10.50 -1.88
C PHE B 33 -16.72 -10.18 -3.14
N SER B 34 -16.02 -10.15 -4.28
CA SER B 34 -16.66 -10.11 -5.59
C SER B 34 -16.14 -11.34 -6.34
N GLN B 35 -17.04 -12.02 -7.01
CA GLN B 35 -16.63 -13.02 -7.97
C GLN B 35 -15.95 -12.45 -9.23
N HIS B 36 -16.09 -11.15 -9.52
CA HIS B 36 -15.50 -10.61 -10.75
C HIS B 36 -13.99 -10.45 -10.55
N TYR B 37 -13.22 -11.12 -11.39
CA TYR B 37 -11.78 -11.02 -11.38
C TYR B 37 -11.28 -9.66 -11.85
N ARG B 38 -10.51 -8.98 -11.03
CA ARG B 38 -9.74 -7.84 -11.53
C ARG B 38 -8.27 -8.14 -11.33
N ALA B 39 -7.47 -8.22 -12.39
CA ALA B 39 -6.10 -8.75 -12.26
C ALA B 39 -5.20 -7.71 -11.63
N THR B 40 -4.40 -8.08 -10.65
CA THR B 40 -3.45 -7.11 -10.07
C THR B 40 -2.30 -6.79 -11.05
N ILE B 41 -1.89 -5.52 -11.11
CA ILE B 41 -0.73 -5.06 -11.87
C ILE B 41 0.43 -4.77 -10.90
N GLY B 42 1.48 -5.58 -10.92
CA GLY B 42 2.62 -5.41 -9.97
C GLY B 42 2.32 -5.80 -8.54
N VAL B 43 1.96 -4.84 -7.70
CA VAL B 43 1.73 -5.09 -6.29
C VAL B 43 0.54 -4.29 -5.85
N ASP B 44 -0.24 -4.82 -4.91
CA ASP B 44 -1.32 -4.07 -4.23
C ASP B 44 -1.06 -4.17 -2.75
N PHE B 45 -1.71 -3.34 -1.97
CA PHE B 45 -1.46 -3.23 -0.52
C PHE B 45 -2.71 -3.00 0.25
N ALA B 46 -2.64 -3.37 1.51
CA ALA B 46 -3.68 -3.18 2.47
C ALA B 46 -3.00 -3.11 3.84
N LEU B 47 -3.68 -2.48 4.78
CA LEU B 47 -3.29 -2.49 6.18
C LEU B 47 -4.39 -3.12 7.03
N LYS B 48 -4.08 -4.20 7.73
CA LYS B 48 -4.95 -4.67 8.77
C LYS B 48 -4.46 -4.23 10.12
N VAL B 49 -5.43 -3.86 10.95
CA VAL B 49 -5.21 -3.54 12.33
C VAL B 49 -5.79 -4.68 13.12
N LEU B 50 -4.94 -5.43 13.82
CA LEU B 50 -5.40 -6.58 14.60
C LEU B 50 -5.13 -6.43 16.12
N ASN B 51 -6.18 -6.59 16.89
CA ASN B 51 -6.12 -6.60 18.32
C ASN B 51 -5.72 -7.99 18.68
N TRP B 52 -4.42 -8.24 18.80
CA TRP B 52 -3.95 -9.57 19.14
C TRP B 52 -4.51 -10.03 20.49
N ASP B 53 -4.32 -9.21 21.50
CA ASP B 53 -4.90 -9.40 22.81
C ASP B 53 -4.83 -8.04 23.50
N SER B 54 -5.06 -8.03 24.80
CA SER B 54 -5.14 -6.82 25.60
C SER B 54 -3.85 -6.02 25.72
N ARG B 55 -2.70 -6.63 25.47
CA ARG B 55 -1.41 -5.94 25.63
C ARG B 55 -0.67 -5.85 24.33
N THR B 56 -1.37 -6.18 23.24
CA THR B 56 -0.69 -6.42 21.97
C THR B 56 -1.53 -6.00 20.79
N LEU B 57 -1.07 -4.94 20.14
CA LEU B 57 -1.78 -4.45 18.95
C LEU B 57 -0.85 -4.66 17.81
N VAL B 58 -1.30 -5.38 16.80
CA VAL B 58 -0.52 -5.65 15.62
C VAL B 58 -1.14 -4.91 14.46
N ARG B 59 -0.27 -4.24 13.69
CA ARG B 59 -0.64 -3.79 12.34
C ARG B 59 0.14 -4.56 11.33
N LEU B 60 -0.58 -5.11 10.35
CA LEU B 60 0.01 -5.75 9.23
C LEU B 60 -0.10 -4.95 7.96
N GLN B 61 1.05 -4.65 7.37
CA GLN B 61 1.15 -4.15 6.03
C GLN B 61 1.18 -5.36 5.08
N LEU B 62 0.03 -5.65 4.46
CA LEU B 62 -0.10 -6.70 3.45
C LEU B 62 0.27 -6.31 2.03
N TRP B 63 1.34 -6.91 1.54
CA TRP B 63 1.87 -6.71 0.20
C TRP B 63 1.39 -7.91 -0.67
N ASP B 64 0.45 -7.64 -1.54
CA ASP B 64 -0.19 -8.59 -2.53
C ASP B 64 0.58 -8.54 -3.82
N ILE B 65 1.44 -9.54 -4.04
CA ILE B 65 2.35 -9.53 -5.15
C ILE B 65 1.61 -10.23 -6.30
N ALA B 66 1.51 -9.56 -7.46
CA ALA B 66 0.81 -10.10 -8.59
C ALA B 66 1.50 -11.38 -9.11
N GLY B 67 0.70 -12.26 -9.67
CA GLY B 67 1.14 -13.57 -10.20
C GLY B 67 2.27 -13.63 -11.19
N LEU B 68 2.42 -12.64 -12.05
CA LEU B 68 3.59 -12.60 -12.93
C LEU B 68 4.94 -12.19 -12.30
N GLU B 69 4.98 -11.77 -11.03
CA GLU B 69 6.19 -11.05 -10.58
C GLU B 69 7.45 -11.91 -10.45
N ARG B 70 7.26 -13.23 -10.31
CA ARG B 70 8.36 -14.16 -10.21
C ARG B 70 9.07 -14.30 -11.51
N PHE B 71 8.49 -13.86 -12.62
CA PHE B 71 9.18 -13.89 -13.93
C PHE B 71 10.03 -12.65 -14.17
N GLY B 72 9.72 -11.56 -13.45
CA GLY B 72 10.46 -10.33 -13.55
C GLY B 72 11.67 -10.32 -12.64
N ASN B 73 12.13 -9.12 -12.34
CA ASN B 73 13.38 -8.93 -11.54
C ASN B 73 13.18 -7.97 -10.37
N MET B 74 11.94 -7.85 -9.89
CA MET B 74 11.61 -6.90 -8.83
C MET B 74 11.27 -7.53 -7.49
N THR B 75 11.16 -8.86 -7.42
CA THR B 75 10.70 -9.49 -6.19
C THR B 75 11.65 -9.25 -5.02
N ARG B 76 12.97 -9.20 -5.27
CA ARG B 76 13.90 -8.91 -4.18
C ARG B 76 13.55 -7.56 -3.55
N VAL B 77 13.24 -6.56 -4.37
CA VAL B 77 12.83 -5.26 -3.84
C VAL B 77 11.50 -5.36 -3.11
N TYR B 78 10.55 -6.09 -3.67
CA TYR B 78 9.23 -6.19 -3.07
C TYR B 78 9.22 -6.88 -1.75
N TYR B 79 10.05 -7.92 -1.61
CA TYR B 79 10.11 -8.70 -0.39
C TYR B 79 10.85 -8.00 0.76
N LYS B 80 11.63 -6.98 0.47
CA LYS B 80 12.52 -6.44 1.49
C LYS B 80 11.75 -6.09 2.78
N GLU B 81 12.32 -6.51 3.90
CA GLU B 81 11.80 -6.23 5.24
C GLU B 81 10.65 -7.14 5.63
N ALA B 82 10.12 -8.00 4.76
CA ALA B 82 9.05 -8.88 5.18
C ALA B 82 9.50 -9.76 6.31
N VAL B 83 8.60 -9.99 7.25
CA VAL B 83 8.83 -10.87 8.38
C VAL B 83 7.90 -12.12 8.29
N GLY B 84 7.02 -12.18 7.32
CA GLY B 84 6.20 -13.42 7.10
C GLY B 84 5.57 -13.44 5.74
N ALA B 85 5.01 -14.59 5.35
CA ALA B 85 4.37 -14.75 4.06
C ALA B 85 3.26 -15.77 4.07
N PHE B 86 2.22 -15.50 3.26
CA PHE B 86 1.33 -16.51 2.76
C PHE B 86 1.68 -16.91 1.35
N VAL B 87 1.58 -18.22 1.05
CA VAL B 87 1.77 -18.75 -0.27
C VAL B 87 0.48 -19.47 -0.56
N VAL B 88 -0.18 -19.05 -1.65
CA VAL B 88 -1.56 -19.35 -1.92
C VAL B 88 -1.57 -20.09 -3.20
N PHE B 89 -2.30 -21.18 -3.21
CA PHE B 89 -2.68 -21.86 -4.44
C PHE B 89 -4.20 -22.09 -4.45
N ASP B 90 -4.68 -22.51 -5.61
CA ASP B 90 -6.08 -22.76 -5.87
C ASP B 90 -6.26 -24.29 -5.84
N ILE B 91 -7.04 -24.71 -4.86
CA ILE B 91 -7.28 -26.09 -4.51
C ILE B 91 -7.84 -26.88 -5.71
N SER B 92 -8.46 -26.19 -6.68
CA SER B 92 -8.99 -26.76 -7.92
C SER B 92 -8.02 -26.86 -9.12
N ARG B 93 -6.84 -26.25 -9.04
CA ARG B 93 -5.90 -26.21 -10.17
C ARG B 93 -4.48 -26.62 -9.76
N SER B 94 -4.11 -27.86 -10.05
CA SER B 94 -2.85 -28.41 -9.60
C SER B 94 -1.60 -27.72 -10.18
N SER B 95 -1.71 -27.10 -11.35
CA SER B 95 -0.64 -26.25 -11.87
C SER B 95 -0.21 -25.16 -10.86
N THR B 96 -1.19 -24.55 -10.17
CA THR B 96 -0.89 -23.58 -9.13
C THR B 96 -0.24 -24.17 -7.85
N PHE B 97 -0.55 -25.42 -7.56
CA PHE B 97 0.17 -26.17 -6.50
C PHE B 97 1.64 -26.44 -6.87
N GLU B 98 1.91 -26.98 -8.08
CA GLU B 98 3.28 -27.18 -8.56
C GLU B 98 4.12 -25.89 -8.48
N ALA B 99 3.51 -24.75 -8.75
CA ALA B 99 4.21 -23.44 -8.72
C ALA B 99 4.60 -22.91 -7.33
N VAL B 100 3.97 -23.43 -6.29
CA VAL B 100 4.27 -23.11 -4.90
C VAL B 100 5.75 -23.18 -4.53
N LEU B 101 6.47 -24.14 -5.08
CA LEU B 101 7.86 -24.32 -4.76
C LEU B 101 8.71 -23.30 -5.46
N LYS B 102 8.27 -22.88 -6.65
CA LYS B 102 8.92 -21.77 -7.36
C LYS B 102 8.83 -20.50 -6.54
N TRP B 103 7.64 -20.15 -6.08
CA TRP B 103 7.48 -19.02 -5.17
C TRP B 103 8.25 -19.18 -3.88
N LYS B 104 8.12 -20.35 -3.25
CA LYS B 104 8.79 -20.59 -1.98
C LYS B 104 10.32 -20.51 -2.08
N SER B 105 10.90 -21.10 -3.12
CA SER B 105 12.33 -20.95 -3.35
C SER B 105 12.79 -19.49 -3.68
N ASP B 106 11.96 -18.74 -4.41
CA ASP B 106 12.23 -17.31 -4.74
C ASP B 106 12.32 -16.49 -3.44
N LEU B 107 11.33 -16.71 -2.57
CA LEU B 107 11.21 -16.10 -1.28
C LEU B 107 12.39 -16.40 -0.39
N ASP B 108 12.73 -17.67 -0.20
CA ASP B 108 13.84 -18.01 0.67
C ASP B 108 15.22 -17.57 0.12
N SER B 109 15.35 -17.43 -1.20
CA SER B 109 16.57 -16.88 -1.81
C SER B 109 16.77 -15.37 -1.51
N LYS B 110 15.65 -14.66 -1.36
CA LYS B 110 15.65 -13.20 -1.40
C LYS B 110 15.35 -12.46 -0.13
N VAL B 111 14.81 -13.10 0.88
CA VAL B 111 14.59 -12.39 2.16
C VAL B 111 14.72 -13.36 3.33
N HIS B 112 15.20 -12.85 4.45
CA HIS B 112 15.44 -13.59 5.69
C HIS B 112 15.19 -12.61 6.84
N LEU B 113 15.02 -13.14 8.03
CA LEU B 113 14.87 -12.31 9.21
C LEU B 113 16.21 -11.62 9.58
N PRO B 114 16.16 -10.69 10.55
CA PRO B 114 17.41 -10.03 10.87
C PRO B 114 18.50 -10.97 11.38
N ASN B 115 18.09 -12.08 11.99
CA ASN B 115 19.03 -13.11 12.41
C ASN B 115 19.50 -14.09 11.30
N GLY B 116 19.05 -13.90 10.05
CA GLY B 116 19.52 -14.73 8.93
C GLY B 116 18.64 -15.93 8.54
N SER B 117 17.74 -16.36 9.42
CA SER B 117 16.87 -17.50 9.15
C SER B 117 15.68 -17.18 8.31
N PRO B 118 15.04 -18.25 7.75
CA PRO B 118 13.91 -18.10 6.88
C PRO B 118 12.68 -17.41 7.52
N ILE B 119 11.98 -16.57 6.76
CA ILE B 119 10.80 -15.94 7.29
C ILE B 119 9.69 -17.02 7.37
N PRO B 120 8.85 -17.01 8.42
CA PRO B 120 7.77 -17.97 8.41
C PRO B 120 6.81 -17.85 7.22
N ALA B 121 6.38 -19.00 6.75
CA ALA B 121 5.53 -19.07 5.57
C ALA B 121 4.40 -20.07 5.76
N VAL B 122 3.16 -19.63 5.54
CA VAL B 122 1.97 -20.40 5.76
C VAL B 122 1.29 -20.66 4.39
N LEU B 123 0.90 -21.90 4.16
CA LEU B 123 0.34 -22.34 2.91
C LEU B 123 -1.17 -22.24 2.98
N LEU B 124 -1.79 -21.53 2.02
CA LEU B 124 -3.23 -21.41 1.92
C LEU B 124 -3.75 -22.13 0.67
N ALA B 125 -4.48 -23.19 0.87
CA ALA B 125 -5.14 -23.90 -0.23
C ALA B 125 -6.49 -23.23 -0.41
N ASN B 126 -6.54 -22.26 -1.32
CA ASN B 126 -7.74 -21.40 -1.42
C ASN B 126 -8.77 -21.96 -2.37
N LYS B 127 -9.99 -21.44 -2.22
CA LYS B 127 -11.16 -21.82 -2.99
C LYS B 127 -11.72 -23.17 -2.53
N CYS B 128 -11.56 -23.44 -1.22
CA CYS B 128 -11.90 -24.78 -0.71
C CYS B 128 -13.40 -25.09 -0.81
N ASP B 129 -14.21 -24.06 -0.96
CA ASP B 129 -15.57 -24.20 -1.46
C ASP B 129 -15.54 -24.72 -2.91
N SER B 137 -4.69 -34.94 -1.12
CA SER B 137 -5.34 -35.06 0.16
C SER B 137 -4.69 -34.22 1.31
N PRO B 138 -5.38 -34.13 2.48
CA PRO B 138 -4.87 -33.55 3.75
C PRO B 138 -3.53 -34.09 4.30
N SER B 139 -3.39 -35.41 4.46
CA SER B 139 -2.14 -36.01 4.92
C SER B 139 -0.95 -35.73 3.97
N GLN B 140 -1.23 -35.65 2.65
CA GLN B 140 -0.15 -35.30 1.69
C GLN B 140 0.33 -33.85 1.86
N VAL B 141 -0.63 -32.95 1.99
CA VAL B 141 -0.32 -31.54 2.21
C VAL B 141 0.43 -31.34 3.52
N ASP B 142 0.02 -32.01 4.59
CA ASP B 142 0.77 -31.99 5.87
C ASP B 142 2.24 -32.36 5.62
N GLN B 143 2.47 -33.49 4.98
CA GLN B 143 3.82 -33.97 4.66
C GLN B 143 4.62 -32.97 3.82
N PHE B 144 4.00 -32.50 2.74
CA PHE B 144 4.57 -31.42 1.93
C PHE B 144 5.09 -30.21 2.78
N CYS B 145 4.32 -29.70 3.74
CA CYS B 145 4.77 -28.57 4.59
C CYS B 145 6.02 -28.85 5.38
N LYS B 146 6.06 -30.01 6.00
CA LYS B 146 7.27 -30.42 6.72
C LYS B 146 8.44 -30.48 5.76
N GLU B 147 8.23 -30.99 4.57
CA GLU B 147 9.32 -31.11 3.60
C GLU B 147 9.83 -29.81 2.98
N HIS B 148 8.98 -28.77 2.95
CA HIS B 148 9.32 -27.60 2.20
C HIS B 148 9.38 -26.32 3.05
N GLY B 149 9.40 -26.47 4.38
CA GLY B 149 9.66 -25.35 5.28
C GLY B 149 8.52 -24.38 5.45
N PHE B 150 7.28 -24.90 5.40
CA PHE B 150 6.08 -24.16 5.75
C PHE B 150 5.74 -24.36 7.19
N ALA B 151 5.39 -23.27 7.89
CA ALA B 151 5.04 -23.34 9.32
C ALA B 151 3.70 -24.06 9.53
N GLY B 152 2.84 -24.05 8.52
CA GLY B 152 1.54 -24.72 8.54
C GLY B 152 0.75 -24.51 7.26
N TRP B 153 -0.49 -25.02 7.21
CA TRP B 153 -1.37 -24.83 6.09
C TRP B 153 -2.86 -24.89 6.47
N PHE B 154 -3.65 -24.18 5.70
CA PHE B 154 -5.08 -24.05 5.93
C PHE B 154 -5.76 -24.11 4.57
N GLU B 155 -6.94 -24.73 4.54
CA GLU B 155 -7.86 -24.58 3.46
C GLU B 155 -8.63 -23.34 3.73
N THR B 156 -8.74 -22.48 2.71
CA THR B 156 -9.43 -21.20 2.85
C THR B 156 -10.45 -20.98 1.78
N SER B 157 -11.45 -20.16 2.14
CA SER B 157 -12.30 -19.59 1.16
C SER B 157 -12.43 -18.09 1.42
N ALA B 158 -11.96 -17.29 0.47
CA ALA B 158 -12.30 -15.88 0.50
C ALA B 158 -13.79 -15.63 0.23
N LYS B 159 -14.41 -16.50 -0.56
CA LYS B 159 -15.82 -16.39 -0.89
C LYS B 159 -16.72 -16.54 0.33
N ASP B 160 -16.54 -17.67 1.04
CA ASP B 160 -17.33 -18.01 2.23
C ASP B 160 -16.68 -17.64 3.56
N ASN B 161 -15.61 -16.86 3.52
CA ASN B 161 -14.89 -16.48 4.71
C ASN B 161 -14.51 -17.65 5.66
N ILE B 162 -13.77 -18.61 5.15
CA ILE B 162 -13.48 -19.85 5.89
C ILE B 162 -12.00 -19.78 6.18
N ASN B 163 -11.68 -19.91 7.48
CA ASN B 163 -10.32 -19.98 8.01
C ASN B 163 -9.35 -18.82 7.70
N ILE B 164 -9.83 -17.71 7.14
CA ILE B 164 -8.95 -16.61 6.84
C ILE B 164 -8.45 -15.91 8.11
N GLU B 165 -9.34 -15.70 9.05
CA GLU B 165 -9.00 -15.14 10.38
C GLU B 165 -8.03 -16.01 11.17
N GLU B 166 -8.32 -17.31 11.22
CA GLU B 166 -7.43 -18.32 11.85
C GLU B 166 -6.06 -18.34 11.19
N ALA B 167 -6.04 -18.35 9.84
CA ALA B 167 -4.78 -18.36 9.11
C ALA B 167 -3.92 -17.15 9.42
N ALA B 168 -4.53 -15.95 9.37
CA ALA B 168 -3.83 -14.75 9.79
C ALA B 168 -3.28 -14.78 11.23
N ARG B 169 -4.09 -15.23 12.18
CA ARG B 169 -3.68 -15.28 13.55
C ARG B 169 -2.50 -16.27 13.72
N PHE B 170 -2.56 -17.38 13.03
CA PHE B 170 -1.50 -18.39 13.01
C PHE B 170 -0.18 -17.85 12.49
N LEU B 171 -0.20 -17.08 11.43
CA LEU B 171 1.02 -16.50 10.95
C LEU B 171 1.59 -15.44 11.89
N VAL B 172 0.70 -14.63 12.46
CA VAL B 172 1.09 -13.59 13.41
C VAL B 172 1.69 -14.19 14.65
N GLU B 173 1.11 -15.30 15.10
CA GLU B 173 1.68 -16.08 16.17
C GLU B 173 3.14 -16.46 15.90
N LYS B 174 3.43 -17.01 14.73
CA LYS B 174 4.83 -17.30 14.32
C LYS B 174 5.72 -16.08 14.27
N ILE B 175 5.21 -14.95 13.75
CA ILE B 175 6.00 -13.70 13.70
C ILE B 175 6.35 -13.23 15.10
N LEU B 176 5.37 -13.27 15.99
CA LEU B 176 5.58 -12.82 17.36
C LEU B 176 6.59 -13.66 18.13
N VAL B 177 6.60 -14.97 17.92
CA VAL B 177 7.59 -15.81 18.61
C VAL B 177 9.00 -15.44 18.17
N ASN B 178 9.17 -15.21 16.87
CA ASN B 178 10.45 -14.80 16.29
C ASN B 178 10.87 -13.41 16.75
N HIS B 179 9.89 -12.56 17.00
CA HIS B 179 10.22 -11.20 17.31
C HIS B 179 10.59 -11.04 18.75
PG GTP C . -12.72 10.82 1.76
O1G GTP C . -12.60 9.41 1.13
O2G GTP C . -11.48 11.32 2.46
O3G GTP C . -13.93 10.94 2.54
O3B GTP C . -12.95 11.75 0.48
PB GTP C . -12.05 11.93 -0.80
O1B GTP C . -11.35 10.66 -1.31
O2B GTP C . -11.22 13.13 -0.52
O3A GTP C . -13.10 12.35 -1.95
PA GTP C . -13.53 11.60 -3.32
O1A GTP C . -12.38 11.42 -4.28
O2A GTP C . -14.36 10.46 -2.81
O5' GTP C . -14.45 12.72 -3.98
C5' GTP C . -15.53 13.37 -3.28
C4' GTP C . -16.61 13.80 -4.27
O4' GTP C . -16.09 14.84 -5.09
C3' GTP C . -17.02 12.68 -5.25
O3' GTP C . -18.41 12.71 -5.60
C2' GTP C . -16.27 12.96 -6.50
O2' GTP C . -16.91 12.50 -7.69
C1' GTP C . -16.15 14.48 -6.46
N9 GTP C . -14.93 14.93 -7.12
C8 GTP C . -13.65 14.56 -6.84
N7 GTP C . -12.79 15.22 -7.63
C5 GTP C . -13.51 16.05 -8.41
C6 GTP C . -13.25 17.05 -9.45
O6 GTP C . -12.11 17.33 -9.90
N1 GTP C . -14.29 17.67 -10.01
C2 GTP C . -15.57 17.43 -9.63
N2 GTP C . -16.57 18.11 -10.22
N3 GTP C . -15.89 16.57 -8.66
C4 GTP C . -14.91 15.85 -8.06
MG MG D . -11.69 8.81 -0.50
PG GTP E . -3.68 -11.83 -9.71
O1G GTP E . -3.81 -12.07 -11.18
O2G GTP E . -2.29 -12.24 -9.29
O3G GTP E . -4.16 -10.46 -9.22
O3B GTP E . -4.78 -12.83 -9.05
PB GTP E . -5.20 -13.07 -7.54
O1B GTP E . -4.37 -14.28 -7.10
O2B GTP E . -5.26 -11.93 -6.56
O3A GTP E . -6.71 -13.65 -7.63
PA GTP E . -8.07 -12.88 -7.21
O1A GTP E . -8.09 -11.81 -8.27
O2A GTP E . -8.27 -12.73 -5.76
O5' GTP E . -9.16 -14.09 -7.51
C5' GTP E . -9.21 -14.61 -8.82
C4' GTP E . -10.62 -15.13 -9.09
O4' GTP E . -10.91 -16.22 -8.21
C3' GTP E . -11.66 -14.04 -8.86
O3' GTP E . -12.65 -14.08 -9.89
C2' GTP E . -12.27 -14.39 -7.55
O2' GTP E . -13.63 -14.00 -7.55
C1' GTP E . -12.05 -15.89 -7.42
N9 GTP E . -11.80 -16.30 -6.03
C8 GTP E . -10.86 -15.86 -5.17
N7 GTP E . -10.94 -16.47 -3.96
C5 GTP E . -11.96 -17.36 -4.06
C6 GTP E . -12.59 -18.38 -3.21
O6 GTP E . -12.24 -18.59 -2.05
N1 GTP E . -13.63 -19.07 -3.70
C2 GTP E . -14.10 -18.91 -4.97
N2 GTP E . -15.14 -19.65 -5.43
N3 GTP E . -13.55 -18.02 -5.81
C4 GTP E . -12.50 -17.24 -5.42
MG MG F . -4.73 -9.99 -7.53
#